data_1GMN
#
_entry.id   1GMN
#
_cell.length_a   86.560
_cell.length_b   86.560
_cell.length_c   117.750
_cell.angle_alpha   90.00
_cell.angle_beta   90.00
_cell.angle_gamma   90.00
#
_symmetry.space_group_name_H-M   'P 43 21 2'
#
loop_
_entity.id
_entity.type
_entity.pdbx_description
1 polymer 'HEPATOCYTE GROWTH FACTOR'
2 branched '2-O-sulfo-alpha-L-idopyranuronic acid-(1-4)-2-deoxy-6-O-sulfo-2-(sulfoamino)-alpha-D-glucopyranose-(1-4)-2-O-sulfo-alpha-L-idopyranuronic acid-(1-4)-2-deoxy-6-O-sulfo-2-(sulfoamino)-alpha-D-glucopyranose-(1-4)-2-O-sulfo-alpha-L-idopyranuronic acid'
3 non-polymer '4-(2-HYDROXYETHYL)-1-PIPERAZINE ETHANESULFONIC ACID'
4 water water
#
_entity_poly.entity_id   1
_entity_poly.type   'polypeptide(L)'
_entity_poly.pdbx_seq_one_letter_code
;YVEGQRKRRNTIHEFKKSAKTTLIKIDPALKIKTKKVNTADQCADRCTRNKGLPFTCKAFVFDKARKQCLWFPFNSMSSG
VKKEFGHEFDLYENKDYIRNCIIGKGRSYKGTVSITKSGIKCQPWSSMIPHEHSFLPSSYRGKDLQENYCRNPRGEEGGP
WCFTSNPEVRYEVCDIPQCSEVE
;
_entity_poly.pdbx_strand_id   A,B
#
# COMPACT_ATOMS: atom_id res chain seq x y z
N THR A 11 8.88 2.81 -11.53
CA THR A 11 7.64 2.89 -10.68
C THR A 11 7.12 1.50 -10.28
N ILE A 12 7.63 0.47 -10.94
CA ILE A 12 7.19 -0.90 -10.64
C ILE A 12 7.73 -1.42 -9.30
N HIS A 13 8.73 -0.74 -8.76
CA HIS A 13 9.31 -1.16 -7.50
C HIS A 13 8.39 -0.75 -6.34
N GLU A 14 7.37 0.04 -6.66
CA GLU A 14 6.41 0.50 -5.68
C GLU A 14 5.30 -0.52 -5.44
N PHE A 15 5.30 -1.58 -6.25
CA PHE A 15 4.29 -2.61 -6.12
C PHE A 15 4.87 -3.86 -5.51
N LYS A 16 4.04 -4.60 -4.78
CA LYS A 16 4.48 -5.85 -4.19
C LYS A 16 4.27 -6.90 -5.27
N LYS A 17 5.36 -7.49 -5.75
CA LYS A 17 5.29 -8.51 -6.79
C LYS A 17 5.01 -9.92 -6.26
N SER A 18 4.18 -10.66 -6.99
CA SER A 18 3.83 -12.04 -6.66
C SER A 18 3.87 -12.83 -7.95
N ALA A 19 4.99 -13.50 -8.18
CA ALA A 19 5.20 -14.28 -9.40
C ALA A 19 4.18 -15.38 -9.64
N LYS A 20 3.98 -15.69 -10.91
CA LYS A 20 3.07 -16.75 -11.34
C LYS A 20 1.73 -16.74 -10.62
N THR A 21 1.13 -15.56 -10.52
CA THR A 21 -0.16 -15.41 -9.86
C THR A 21 -1.06 -14.43 -10.58
N THR A 22 -2.36 -14.71 -10.58
CA THR A 22 -3.33 -13.84 -11.19
C THR A 22 -4.52 -13.77 -10.23
N LEU A 23 -5.43 -12.83 -10.45
CA LEU A 23 -6.60 -12.69 -9.58
C LEU A 23 -7.87 -12.89 -10.37
N ILE A 24 -8.92 -13.34 -9.70
CA ILE A 24 -10.20 -13.55 -10.35
C ILE A 24 -11.36 -13.11 -9.46
N LYS A 25 -12.26 -12.30 -10.03
CA LYS A 25 -13.44 -11.83 -9.30
C LYS A 25 -14.58 -11.62 -10.28
N ILE A 26 -15.75 -12.14 -9.92
CA ILE A 26 -16.93 -12.01 -10.75
C ILE A 26 -18.00 -11.13 -10.10
N ASP A 27 -18.62 -10.29 -10.91
CA ASP A 27 -19.67 -9.40 -10.45
C ASP A 27 -20.01 -8.40 -11.55
N PRO A 28 -21.25 -7.88 -11.55
CA PRO A 28 -21.75 -6.90 -12.53
C PRO A 28 -20.80 -5.72 -12.71
N ALA A 29 -21.12 -4.64 -11.99
CA ALA A 29 -20.36 -3.39 -11.99
C ALA A 29 -19.07 -3.32 -12.81
N LEU A 30 -17.96 -3.24 -12.11
CA LEU A 30 -16.63 -3.12 -12.71
C LEU A 30 -16.21 -4.15 -13.74
N LYS A 31 -15.46 -3.66 -14.74
CA LYS A 31 -14.92 -4.49 -15.80
C LYS A 31 -13.43 -4.20 -15.87
N ILE A 32 -12.61 -5.25 -15.84
CA ILE A 32 -11.18 -5.08 -15.89
C ILE A 32 -10.77 -4.28 -17.13
N LYS A 33 -9.67 -3.55 -17.00
CA LYS A 33 -9.16 -2.76 -18.11
C LYS A 33 -7.96 -3.54 -18.66
N THR A 34 -7.83 -3.60 -19.97
CA THR A 34 -6.72 -4.35 -20.57
C THR A 34 -6.03 -3.55 -21.68
N LYS A 35 -4.79 -3.92 -22.00
CA LYS A 35 -4.04 -3.24 -23.03
C LYS A 35 -2.73 -3.98 -23.32
N LYS A 36 -2.43 -4.20 -24.59
CA LYS A 36 -1.19 -4.86 -24.97
C LYS A 36 -0.05 -3.85 -24.91
N VAL A 37 1.03 -4.22 -24.22
CA VAL A 37 2.17 -3.33 -24.09
C VAL A 37 3.45 -4.13 -24.32
N ASN A 38 4.60 -3.50 -24.10
CA ASN A 38 5.87 -4.20 -24.30
C ASN A 38 6.50 -4.66 -22.99
N THR A 39 6.31 -3.89 -21.93
CA THR A 39 6.88 -4.23 -20.64
C THR A 39 5.93 -4.00 -19.47
N ALA A 40 6.19 -4.69 -18.37
CA ALA A 40 5.35 -4.57 -17.18
C ALA A 40 5.45 -3.17 -16.59
N ASP A 41 6.60 -2.52 -16.78
CA ASP A 41 6.82 -1.17 -16.27
C ASP A 41 5.77 -0.21 -16.80
N GLN A 42 5.36 -0.42 -18.05
CA GLN A 42 4.35 0.42 -18.66
C GLN A 42 3.03 0.27 -17.91
N CYS A 43 2.78 -0.94 -17.43
CA CYS A 43 1.55 -1.23 -16.69
C CYS A 43 1.60 -0.53 -15.33
N ALA A 44 2.79 -0.50 -14.75
CA ALA A 44 3.00 0.13 -13.47
C ALA A 44 2.82 1.63 -13.57
N ASP A 45 3.40 2.22 -14.61
CA ASP A 45 3.32 3.66 -14.82
C ASP A 45 1.87 4.12 -14.88
N ARG A 46 1.09 3.50 -15.75
CA ARG A 46 -0.31 3.88 -15.89
C ARG A 46 -1.11 3.63 -14.62
N CYS A 47 -0.75 2.61 -13.87
CA CYS A 47 -1.44 2.29 -12.63
C CYS A 47 -1.13 3.31 -11.53
N THR A 48 0.14 3.68 -11.40
CA THR A 48 0.56 4.65 -10.39
C THR A 48 -0.07 6.01 -10.65
N ARG A 49 0.01 6.47 -11.89
CA ARG A 49 -0.57 7.76 -12.26
C ARG A 49 -2.09 7.62 -12.41
N ASN A 50 -2.54 6.37 -12.42
CA ASN A 50 -3.96 6.06 -12.57
C ASN A 50 -4.54 6.81 -13.78
N LYS A 51 -3.71 6.96 -14.81
CA LYS A 51 -4.10 7.66 -16.03
C LYS A 51 -5.01 6.84 -16.94
N GLY A 52 -6.14 7.43 -17.32
CA GLY A 52 -7.07 6.76 -18.21
C GLY A 52 -7.70 5.49 -17.64
N LEU A 53 -7.95 5.46 -16.34
CA LEU A 53 -8.56 4.29 -15.73
C LEU A 53 -9.84 4.70 -15.02
N PRO A 54 -10.98 4.14 -15.46
CA PRO A 54 -12.31 4.41 -14.90
C PRO A 54 -12.54 3.96 -13.48
N PHE A 55 -11.46 3.84 -12.70
CA PHE A 55 -11.56 3.38 -11.31
C PHE A 55 -10.22 3.51 -10.61
N THR A 56 -10.19 3.31 -9.31
CA THR A 56 -8.91 3.41 -8.61
C THR A 56 -8.22 2.04 -8.67
N CYS A 57 -7.08 2.02 -9.33
CA CYS A 57 -6.31 0.80 -9.53
C CYS A 57 -5.52 0.32 -8.32
N LYS A 58 -5.91 -0.81 -7.76
CA LYS A 58 -5.22 -1.36 -6.59
C LYS A 58 -4.22 -2.47 -6.95
N ALA A 59 -4.30 -2.97 -8.17
CA ALA A 59 -3.41 -4.03 -8.62
C ALA A 59 -3.48 -4.25 -10.12
N PHE A 60 -2.44 -4.85 -10.66
CA PHE A 60 -2.40 -5.17 -12.08
C PHE A 60 -1.64 -6.47 -12.33
N VAL A 61 -1.94 -7.09 -13.46
CA VAL A 61 -1.32 -8.34 -13.84
C VAL A 61 -0.70 -8.19 -15.20
N PHE A 62 0.55 -8.61 -15.32
CA PHE A 62 1.23 -8.55 -16.59
C PHE A 62 1.28 -9.97 -17.15
N ASP A 63 0.49 -10.23 -18.18
CA ASP A 63 0.47 -11.54 -18.82
C ASP A 63 1.71 -11.60 -19.70
N LYS A 64 2.80 -12.14 -19.14
CA LYS A 64 4.07 -12.25 -19.83
C LYS A 64 4.03 -12.98 -21.17
N ALA A 65 2.96 -13.76 -21.41
CA ALA A 65 2.82 -14.51 -22.65
C ALA A 65 2.28 -13.62 -23.76
N ARG A 66 1.11 -13.04 -23.54
CA ARG A 66 0.50 -12.16 -24.53
C ARG A 66 1.04 -10.75 -24.40
N LYS A 67 2.01 -10.56 -23.50
CA LYS A 67 2.56 -9.23 -23.23
C LYS A 67 1.41 -8.25 -23.05
N GLN A 68 0.38 -8.73 -22.34
CA GLN A 68 -0.80 -7.93 -22.08
C GLN A 68 -0.86 -7.46 -20.63
N CYS A 69 -1.60 -6.39 -20.39
CA CYS A 69 -1.75 -5.83 -19.06
C CYS A 69 -3.21 -5.83 -18.59
N LEU A 70 -3.42 -6.11 -17.31
CA LEU A 70 -4.76 -6.13 -16.74
C LEU A 70 -4.77 -5.30 -15.44
N TRP A 71 -5.56 -4.23 -15.43
CA TRP A 71 -5.67 -3.36 -14.25
C TRP A 71 -6.93 -3.70 -13.50
N PHE A 72 -6.80 -3.86 -12.18
CA PHE A 72 -7.91 -4.24 -11.32
C PHE A 72 -8.31 -3.24 -10.24
N PRO A 73 -9.61 -3.06 -10.01
CA PRO A 73 -10.04 -2.12 -8.97
C PRO A 73 -10.06 -2.88 -7.65
N PHE A 74 -9.18 -3.88 -7.52
CA PHE A 74 -9.09 -4.69 -6.30
C PHE A 74 -7.76 -5.42 -6.19
N ASN A 75 -7.49 -5.99 -5.01
CA ASN A 75 -6.27 -6.77 -4.80
C ASN A 75 -6.64 -8.11 -4.16
N SER A 76 -5.64 -8.93 -3.85
CA SER A 76 -5.93 -10.25 -3.28
C SER A 76 -6.67 -10.26 -1.95
N MET A 77 -6.70 -9.12 -1.24
CA MET A 77 -7.40 -9.07 0.03
C MET A 77 -8.82 -8.55 -0.12
N SER A 78 -9.17 -8.08 -1.31
CA SER A 78 -10.52 -7.59 -1.54
C SER A 78 -11.46 -8.77 -1.37
N SER A 79 -12.69 -8.52 -0.93
CA SER A 79 -13.64 -9.60 -0.73
C SER A 79 -14.07 -10.20 -2.06
N GLY A 80 -14.41 -11.49 -2.05
CA GLY A 80 -14.84 -12.15 -3.26
C GLY A 80 -13.78 -12.29 -4.35
N VAL A 81 -12.51 -12.18 -3.97
CA VAL A 81 -11.42 -12.30 -4.93
C VAL A 81 -10.59 -13.55 -4.65
N LYS A 82 -10.18 -14.24 -5.71
CA LYS A 82 -9.39 -15.46 -5.56
C LYS A 82 -8.09 -15.43 -6.32
N LYS A 83 -7.04 -15.96 -5.69
CA LYS A 83 -5.73 -16.05 -6.33
C LYS A 83 -5.73 -17.35 -7.13
N GLU A 84 -5.02 -17.36 -8.26
CA GLU A 84 -4.94 -18.54 -9.10
C GLU A 84 -3.53 -18.62 -9.66
N PHE A 85 -2.95 -19.82 -9.65
CA PHE A 85 -1.59 -20.00 -10.14
C PHE A 85 -1.57 -19.92 -11.68
N GLY A 86 -0.47 -19.40 -12.23
CA GLY A 86 -0.36 -19.29 -13.66
C GLY A 86 1.05 -18.88 -14.04
N HIS A 87 1.72 -19.71 -14.83
CA HIS A 87 3.09 -19.44 -15.25
C HIS A 87 3.31 -18.14 -16.03
N GLU A 88 2.36 -17.75 -16.87
CA GLU A 88 2.53 -16.54 -17.67
C GLU A 88 2.19 -15.26 -16.89
N PHE A 89 1.57 -15.42 -15.73
CA PHE A 89 1.15 -14.27 -14.95
C PHE A 89 2.08 -13.76 -13.84
N ASP A 90 1.97 -12.47 -13.56
CA ASP A 90 2.73 -11.83 -12.51
C ASP A 90 1.81 -10.77 -11.91
N LEU A 91 1.57 -10.87 -10.60
CA LEU A 91 0.69 -9.95 -9.90
C LEU A 91 1.44 -8.82 -9.19
N TYR A 92 0.98 -7.59 -9.38
CA TYR A 92 1.59 -6.44 -8.75
C TYR A 92 0.54 -5.70 -7.94
N GLU A 93 0.68 -5.67 -6.63
CA GLU A 93 -0.29 -5.00 -5.78
C GLU A 93 0.21 -3.65 -5.27
N ASN A 94 -0.66 -2.65 -5.35
CA ASN A 94 -0.33 -1.30 -4.90
C ASN A 94 -0.18 -1.32 -3.38
N LYS A 95 0.98 -0.88 -2.88
CA LYS A 95 1.25 -0.89 -1.45
C LYS A 95 0.30 -0.06 -0.59
N ASP A 96 -0.26 1.00 -1.16
CA ASP A 96 -1.17 1.84 -0.41
C ASP A 96 -2.38 1.07 0.05
N TYR A 97 -2.62 -0.09 -0.54
CA TYR A 97 -3.79 -0.85 -0.15
C TYR A 97 -3.51 -2.16 0.58
N ILE A 98 -2.24 -2.42 0.85
CA ILE A 98 -1.86 -3.60 1.62
C ILE A 98 -1.57 -3.08 3.03
N ARG A 99 -2.41 -3.44 3.99
CA ARG A 99 -2.22 -2.98 5.37
C ARG A 99 -0.72 -2.95 5.75
N ASN A 100 -0.23 -1.78 6.15
CA ASN A 100 1.18 -1.66 6.53
C ASN A 100 1.45 -1.71 8.03
N CYS A 101 0.51 -2.24 8.79
CA CYS A 101 0.68 -2.36 10.23
C CYS A 101 0.16 -3.74 10.63
N ILE A 102 0.50 -4.18 11.83
CA ILE A 102 0.07 -5.50 12.27
C ILE A 102 -0.87 -5.51 13.47
N ILE A 103 -1.72 -6.53 13.50
CA ILE A 103 -2.66 -6.73 14.58
C ILE A 103 -2.15 -7.90 15.42
N GLY A 104 -1.57 -7.60 16.59
CA GLY A 104 -1.07 -8.65 17.46
C GLY A 104 0.26 -9.25 17.08
N LYS A 105 0.27 -10.56 16.88
CA LYS A 105 1.50 -11.28 16.52
C LYS A 105 1.89 -11.04 15.06
N GLY A 106 0.96 -10.54 14.27
CA GLY A 106 1.24 -10.25 12.87
C GLY A 106 1.35 -11.47 11.98
N ARG A 107 0.64 -12.54 12.34
CA ARG A 107 0.67 -13.77 11.55
C ARG A 107 0.35 -13.50 10.09
N SER A 108 -0.64 -12.63 9.86
CA SER A 108 -1.07 -12.29 8.51
C SER A 108 -0.41 -11.06 7.88
N TYR A 109 0.74 -10.62 8.40
CA TYR A 109 1.39 -9.45 7.81
C TYR A 109 1.84 -9.75 6.41
N LYS A 110 1.46 -8.89 5.46
CA LYS A 110 1.85 -9.08 4.08
C LYS A 110 2.41 -7.84 3.43
N GLY A 111 2.88 -6.89 4.25
CA GLY A 111 3.45 -5.66 3.73
C GLY A 111 4.81 -5.86 3.07
N THR A 112 5.45 -4.78 2.68
CA THR A 112 6.75 -4.87 2.01
C THR A 112 7.97 -4.45 2.81
N VAL A 113 7.79 -4.13 4.10
CA VAL A 113 8.94 -3.73 4.91
C VAL A 113 9.97 -4.84 4.85
N SER A 114 11.24 -4.47 4.69
CA SER A 114 12.28 -5.48 4.58
C SER A 114 13.59 -5.12 5.28
N ILE A 115 13.48 -4.65 6.52
CA ILE A 115 14.64 -4.28 7.31
C ILE A 115 14.33 -4.58 8.78
N THR A 116 15.34 -4.97 9.54
CA THR A 116 15.16 -5.30 10.95
C THR A 116 15.17 -4.00 11.76
N LYS A 117 14.77 -4.08 13.03
CA LYS A 117 14.73 -2.91 13.88
C LYS A 117 16.14 -2.42 14.25
N SER A 118 17.12 -2.86 13.47
CA SER A 118 18.50 -2.44 13.70
C SER A 118 19.01 -1.89 12.38
N GLY A 119 18.08 -1.54 11.51
CA GLY A 119 18.45 -0.99 10.21
C GLY A 119 19.23 -1.97 9.37
N ILE A 120 19.16 -3.26 9.70
CA ILE A 120 19.87 -4.28 8.94
C ILE A 120 18.95 -4.83 7.85
N LYS A 121 19.40 -4.78 6.60
CA LYS A 121 18.60 -5.28 5.49
C LYS A 121 18.36 -6.78 5.62
N CYS A 122 17.25 -7.26 5.07
CA CYS A 122 16.87 -8.68 5.14
C CYS A 122 17.46 -9.55 4.03
N GLN A 123 17.58 -10.83 4.33
CA GLN A 123 18.09 -11.83 3.39
C GLN A 123 16.91 -12.43 2.65
N PRO A 124 17.01 -12.60 1.32
CA PRO A 124 15.88 -13.19 0.59
C PRO A 124 15.58 -14.57 1.18
N TRP A 125 14.32 -14.97 1.21
CA TRP A 125 13.95 -16.26 1.78
C TRP A 125 14.46 -17.48 1.02
N SER A 126 14.43 -17.40 -0.30
CA SER A 126 14.87 -18.50 -1.13
C SER A 126 16.40 -18.63 -1.25
N SER A 127 17.13 -17.81 -0.50
CA SER A 127 18.59 -17.87 -0.56
C SER A 127 19.19 -18.29 0.78
N MET A 128 20.39 -18.88 0.74
CA MET A 128 21.05 -19.35 1.96
C MET A 128 22.30 -18.57 2.34
N ILE A 129 22.55 -17.45 1.66
CA ILE A 129 23.72 -16.62 1.94
C ILE A 129 23.26 -15.27 2.50
N PRO A 130 23.85 -14.83 3.62
CA PRO A 130 24.92 -15.48 4.41
C PRO A 130 24.46 -16.55 5.39
N HIS A 131 23.15 -16.64 5.64
CA HIS A 131 22.66 -17.64 6.58
C HIS A 131 21.90 -18.80 5.95
N GLU A 132 22.13 -20.00 6.47
CA GLU A 132 21.47 -21.21 5.99
C GLU A 132 20.24 -21.40 6.86
N HIS A 133 19.12 -21.77 6.24
CA HIS A 133 17.87 -21.96 6.98
C HIS A 133 16.91 -22.92 6.29
N SER A 134 15.85 -23.29 6.99
CA SER A 134 14.83 -24.21 6.47
C SER A 134 13.53 -23.51 6.08
N PHE A 135 13.55 -22.17 6.00
CA PHE A 135 12.36 -21.41 5.65
C PHE A 135 12.24 -21.10 4.17
N LEU A 136 12.02 -22.14 3.36
CA LEU A 136 11.86 -21.98 1.92
C LEU A 136 10.36 -21.84 1.61
N PRO A 137 10.02 -21.01 0.63
CA PRO A 137 8.63 -20.77 0.21
C PRO A 137 7.83 -22.06 -0.02
N SER A 138 8.48 -23.03 -0.68
CA SER A 138 7.87 -24.32 -0.98
C SER A 138 7.43 -25.11 0.25
N SER A 139 8.02 -24.81 1.41
CA SER A 139 7.67 -25.51 2.65
C SER A 139 6.63 -24.72 3.44
N TYR A 140 6.35 -23.50 2.98
CA TYR A 140 5.37 -22.62 3.64
C TYR A 140 4.41 -22.02 2.63
N ARG A 141 3.62 -22.86 1.99
CA ARG A 141 2.65 -22.40 1.01
C ARG A 141 1.56 -21.69 1.80
N GLY A 142 1.30 -20.44 1.44
CA GLY A 142 0.29 -19.67 2.15
C GLY A 142 0.86 -18.65 3.14
N LYS A 143 2.18 -18.63 3.27
CA LYS A 143 2.83 -17.69 4.20
C LYS A 143 3.52 -16.54 3.49
N ASP A 144 3.50 -16.56 2.16
CA ASP A 144 4.08 -15.50 1.34
C ASP A 144 5.55 -15.16 1.62
N LEU A 145 6.41 -16.18 1.62
CA LEU A 145 7.84 -15.99 1.86
C LEU A 145 8.52 -15.61 0.56
N GLN A 146 8.39 -14.36 0.15
CA GLN A 146 9.01 -13.92 -1.08
C GLN A 146 9.98 -12.76 -0.87
N GLU A 147 10.86 -12.58 -1.84
CA GLU A 147 11.86 -11.53 -1.78
C GLU A 147 12.49 -11.60 -0.39
N ASN A 148 12.59 -10.46 0.28
CA ASN A 148 13.18 -10.42 1.61
C ASN A 148 12.24 -9.67 2.56
N TYR A 149 10.94 -9.82 2.35
CA TYR A 149 9.96 -9.16 3.19
C TYR A 149 9.84 -9.80 4.56
N CYS A 150 9.76 -8.97 5.59
CA CYS A 150 9.62 -9.47 6.96
C CYS A 150 8.36 -10.31 7.00
N ARG A 151 8.43 -11.43 7.72
CA ARG A 151 7.28 -12.33 7.81
C ARG A 151 7.28 -13.07 9.14
N ASN A 152 6.17 -13.72 9.44
CA ASN A 152 6.02 -14.49 10.66
C ASN A 152 5.40 -15.84 10.25
N PRO A 153 6.14 -16.64 9.45
CA PRO A 153 5.69 -17.94 8.97
C PRO A 153 5.17 -18.95 9.99
N ARG A 154 5.71 -18.92 11.20
CA ARG A 154 5.24 -19.85 12.22
C ARG A 154 4.30 -19.16 13.21
N GLY A 155 3.98 -17.90 12.90
CA GLY A 155 3.09 -17.11 13.74
C GLY A 155 3.51 -17.12 15.19
N GLU A 156 4.72 -16.65 15.45
CA GLU A 156 5.26 -16.60 16.79
C GLU A 156 5.09 -15.24 17.44
N GLU A 157 5.41 -15.17 18.74
CA GLU A 157 5.37 -13.90 19.46
C GLU A 157 6.64 -13.19 19.01
N GLY A 158 6.64 -11.87 19.04
CA GLY A 158 7.81 -11.17 18.58
C GLY A 158 7.59 -10.79 17.14
N GLY A 159 6.40 -11.14 16.65
CA GLY A 159 5.98 -10.83 15.30
C GLY A 159 6.94 -11.05 14.15
N PRO A 160 6.68 -10.38 13.00
CA PRO A 160 7.48 -10.46 11.79
C PRO A 160 8.98 -10.40 12.05
N TRP A 161 9.74 -11.07 11.20
CA TRP A 161 11.17 -11.11 11.32
C TRP A 161 11.75 -11.54 9.98
N CYS A 162 13.05 -11.69 9.94
CA CYS A 162 13.72 -12.12 8.72
C CYS A 162 15.17 -12.43 9.03
N PHE A 163 15.88 -13.01 8.07
CA PHE A 163 17.28 -13.32 8.25
C PHE A 163 18.06 -12.10 7.79
N THR A 164 18.80 -11.49 8.70
CA THR A 164 19.58 -10.30 8.39
C THR A 164 20.69 -10.65 7.41
N SER A 165 21.16 -9.67 6.66
CA SER A 165 22.23 -9.91 5.71
C SER A 165 23.57 -9.80 6.43
N ASN A 166 23.51 -9.44 7.70
CA ASN A 166 24.70 -9.29 8.53
C ASN A 166 25.12 -10.65 9.11
N PRO A 167 26.23 -11.22 8.63
CA PRO A 167 26.72 -12.52 9.09
C PRO A 167 26.88 -12.63 10.60
N GLU A 168 26.94 -11.48 11.28
CA GLU A 168 27.08 -11.47 12.73
C GLU A 168 25.74 -11.73 13.40
N VAL A 169 24.66 -11.43 12.70
CA VAL A 169 23.31 -11.64 13.23
C VAL A 169 22.54 -12.58 12.32
N ARG A 170 22.12 -13.72 12.88
CA ARG A 170 21.39 -14.70 12.09
C ARG A 170 20.03 -14.16 11.68
N TYR A 171 19.24 -13.75 12.68
CA TYR A 171 17.92 -13.22 12.44
C TYR A 171 17.62 -12.10 13.41
N GLU A 172 16.54 -11.36 13.15
CA GLU A 172 16.13 -10.27 14.01
C GLU A 172 14.75 -9.78 13.61
N VAL A 173 13.88 -9.61 14.60
CA VAL A 173 12.54 -9.14 14.36
C VAL A 173 12.61 -7.79 13.65
N CYS A 174 11.51 -7.43 12.97
CA CYS A 174 11.43 -6.16 12.29
C CYS A 174 10.47 -5.32 13.11
N ASP A 175 10.60 -4.00 13.04
CA ASP A 175 9.72 -3.13 13.79
C ASP A 175 8.57 -2.66 12.91
N ILE A 176 7.42 -3.29 13.10
CA ILE A 176 6.23 -2.94 12.34
C ILE A 176 5.16 -2.52 13.35
N PRO A 177 4.70 -1.27 13.25
CA PRO A 177 3.69 -0.68 14.13
C PRO A 177 2.41 -1.49 14.32
N GLN A 178 1.83 -1.39 15.51
CA GLN A 178 0.56 -2.04 15.79
C GLN A 178 -0.48 -1.12 15.16
N CYS A 179 -1.63 -1.66 14.76
CA CYS A 179 -2.66 -0.82 14.15
C CYS A 179 -3.13 0.17 15.22
N SER A 180 -3.30 -0.32 16.44
CA SER A 180 -3.72 0.53 17.54
C SER A 180 -2.58 1.50 17.86
N GLU A 181 -1.43 1.02 18.03
N PHE B 15 7.55 9.30 -0.88
CA PHE B 15 7.32 9.76 0.52
C PHE B 15 6.15 10.73 0.62
N LYS B 16 5.82 11.13 1.85
CA LYS B 16 4.75 12.08 2.11
C LYS B 16 5.38 13.40 2.52
N LYS B 17 5.48 14.32 1.56
CA LYS B 17 6.09 15.62 1.81
C LYS B 17 5.24 16.59 2.63
N SER B 18 5.94 17.41 3.42
CA SER B 18 5.32 18.43 4.26
C SER B 18 6.20 19.68 4.23
N ALA B 19 6.00 20.52 3.22
CA ALA B 19 6.77 21.75 3.03
C ALA B 19 7.09 22.51 4.31
N LYS B 20 8.33 22.96 4.41
CA LYS B 20 8.82 23.72 5.56
C LYS B 20 8.28 23.19 6.89
N THR B 21 8.95 22.18 7.44
CA THR B 21 8.52 21.60 8.71
C THR B 21 9.64 20.75 9.31
N THR B 22 9.44 20.29 10.54
CA THR B 22 10.41 19.44 11.23
C THR B 22 9.97 19.16 12.67
N LEU B 23 10.50 18.08 13.23
CA LEU B 23 10.16 17.67 14.59
C LEU B 23 11.27 17.99 15.60
N ILE B 24 10.96 17.82 16.88
CA ILE B 24 11.91 18.09 17.95
C ILE B 24 12.14 16.85 18.81
N CYS B 57 15.37 4.27 9.18
CA CYS B 57 15.05 5.59 8.64
C CYS B 57 13.56 5.71 8.29
N LYS B 58 12.76 6.17 9.25
CA LYS B 58 11.33 6.32 9.03
C LYS B 58 10.99 7.66 8.39
N ALA B 59 11.66 8.71 8.83
CA ALA B 59 11.43 10.05 8.30
C ALA B 59 12.70 10.88 8.38
N PHE B 60 12.86 11.78 7.41
CA PHE B 60 14.04 12.65 7.38
C PHE B 60 13.66 14.10 7.11
N TRP B 71 17.20 11.96 9.91
CA TRP B 71 16.93 10.52 9.84
C TRP B 71 16.70 9.96 11.24
N PHE B 72 15.42 9.88 11.63
CA PHE B 72 15.07 9.38 12.96
C PHE B 72 14.36 8.03 12.88
N PRO B 73 14.33 7.29 14.00
CA PRO B 73 13.68 5.98 14.06
C PRO B 73 12.20 6.18 14.41
N PHE B 74 11.70 7.37 14.12
CA PHE B 74 10.32 7.74 14.38
C PHE B 74 9.95 8.92 13.49
N ASN B 75 8.66 9.28 13.47
CA ASN B 75 8.20 10.40 12.66
C ASN B 75 7.29 11.33 13.46
N SER B 76 6.77 12.36 12.79
CA SER B 76 5.90 13.34 13.43
C SER B 76 4.74 12.69 14.18
N MET B 77 4.68 11.36 14.14
CA MET B 77 3.63 10.63 14.83
C MET B 77 4.24 9.66 15.83
N LEU B 91 9.86 18.47 4.82
CA LEU B 91 9.80 17.24 5.61
C LEU B 91 9.31 16.06 4.78
N TYR B 92 10.02 14.94 4.89
CA TYR B 92 9.64 13.73 4.16
C TYR B 92 9.43 12.56 5.11
N GLU B 93 8.31 11.89 4.94
CA GLU B 93 7.97 10.75 5.77
C GLU B 93 7.71 9.49 4.96
N ASN B 94 8.37 8.41 5.35
CA ASN B 94 8.23 7.12 4.67
C ASN B 94 6.82 6.59 4.90
N LYS B 95 6.11 6.29 3.82
CA LYS B 95 4.73 5.81 3.89
C LYS B 95 4.54 4.47 4.62
N ASP B 96 5.59 3.67 4.72
CA ASP B 96 5.47 2.40 5.40
C ASP B 96 5.27 2.53 6.89
N TYR B 97 5.54 3.72 7.42
CA TYR B 97 5.38 3.94 8.85
C TYR B 97 4.27 4.93 9.17
N ILE B 98 3.29 4.99 8.26
CA ILE B 98 2.12 5.83 8.43
C ILE B 98 0.96 4.90 8.10
N ARG B 99 0.16 4.57 9.10
CA ARG B 99 -0.95 3.66 8.90
C ARG B 99 -1.72 3.99 7.62
N ASN B 100 -1.85 2.99 6.75
CA ASN B 100 -2.55 3.15 5.48
C ASN B 100 -3.95 2.56 5.47
N CYS B 101 -4.49 2.26 6.64
CA CYS B 101 -5.85 1.73 6.76
C CYS B 101 -6.56 2.52 7.84
N ILE B 102 -7.89 2.51 7.84
CA ILE B 102 -8.63 3.27 8.83
C ILE B 102 -9.41 2.47 9.86
N ILE B 103 -9.64 3.09 11.01
CA ILE B 103 -10.42 2.48 12.08
C ILE B 103 -11.68 3.31 12.25
N GLY B 104 -12.81 2.76 11.78
CA GLY B 104 -14.06 3.48 11.91
C GLY B 104 -14.26 4.56 10.87
N LYS B 105 -14.42 5.80 11.34
CA LYS B 105 -14.66 6.94 10.44
C LYS B 105 -13.45 7.37 9.63
N GLY B 106 -12.27 7.33 10.24
CA GLY B 106 -11.06 7.72 9.53
C GLY B 106 -10.62 9.12 9.92
N ARG B 107 -11.22 9.66 10.97
CA ARG B 107 -10.89 11.00 11.44
C ARG B 107 -9.39 11.19 11.56
N SER B 108 -8.71 10.15 12.03
CA SER B 108 -7.26 10.20 12.23
C SER B 108 -6.43 9.77 11.00
N TYR B 109 -7.09 9.41 9.90
CA TYR B 109 -6.37 8.99 8.71
C TYR B 109 -5.40 10.05 8.20
N LYS B 110 -4.14 9.68 8.03
CA LYS B 110 -3.12 10.61 7.55
C LYS B 110 -2.29 10.03 6.40
N GLY B 111 -2.84 9.07 5.68
CA GLY B 111 -2.13 8.48 4.56
C GLY B 111 -2.07 9.39 3.34
N THR B 112 -1.52 8.87 2.23
CA THR B 112 -1.36 9.62 1.00
C THR B 112 -2.32 9.30 -0.15
N VAL B 113 -3.36 8.52 0.08
CA VAL B 113 -4.30 8.22 -0.99
C VAL B 113 -4.89 9.55 -1.48
N SER B 114 -4.83 9.78 -2.80
CA SER B 114 -5.32 11.04 -3.36
C SER B 114 -6.14 10.88 -4.62
N ILE B 115 -6.94 9.82 -4.68
CA ILE B 115 -7.80 9.54 -5.84
C ILE B 115 -9.09 9.03 -5.23
N THR B 116 -10.23 9.37 -5.82
CA THR B 116 -11.49 8.92 -5.26
C THR B 116 -11.86 7.49 -5.67
N LYS B 117 -13.01 7.05 -5.16
CA LYS B 117 -13.54 5.72 -5.43
C LYS B 117 -13.84 5.50 -6.91
N SER B 118 -13.84 6.57 -7.70
CA SER B 118 -14.12 6.49 -9.13
C SER B 118 -12.90 6.69 -10.02
N GLY B 119 -11.72 6.80 -9.41
CA GLY B 119 -10.54 7.00 -10.22
C GLY B 119 -10.21 8.46 -10.53
N ILE B 120 -10.98 9.39 -9.96
CA ILE B 120 -10.74 10.81 -10.20
C ILE B 120 -9.68 11.34 -9.23
N LYS B 121 -8.67 12.02 -9.76
CA LYS B 121 -7.63 12.59 -8.94
C LYS B 121 -8.22 13.73 -8.08
N CYS B 122 -7.81 13.78 -6.81
CA CYS B 122 -8.28 14.79 -5.84
C CYS B 122 -7.74 16.22 -6.04
N GLN B 123 -8.61 17.20 -5.81
CA GLN B 123 -8.24 18.62 -5.89
C GLN B 123 -7.47 18.98 -4.61
N PRO B 124 -6.44 19.81 -4.72
CA PRO B 124 -5.69 20.17 -3.50
C PRO B 124 -6.61 20.91 -2.49
N TRP B 125 -6.45 20.66 -1.20
CA TRP B 125 -7.28 21.33 -0.21
C TRP B 125 -7.11 22.85 -0.20
N SER B 126 -5.91 23.32 -0.50
CA SER B 126 -5.64 24.76 -0.48
C SER B 126 -6.08 25.48 -1.76
N SER B 127 -6.66 24.75 -2.69
CA SER B 127 -7.11 25.36 -3.93
C SER B 127 -8.63 25.61 -3.92
N MET B 128 -9.08 26.67 -4.60
CA MET B 128 -10.51 26.96 -4.66
C MET B 128 -11.08 26.59 -6.03
N ILE B 129 -10.24 26.01 -6.88
CA ILE B 129 -10.69 25.56 -8.20
C ILE B 129 -10.24 24.12 -8.44
N PRO B 130 -11.07 23.33 -9.14
CA PRO B 130 -12.36 23.77 -9.69
C PRO B 130 -13.51 23.94 -8.68
N HIS B 131 -13.30 23.55 -7.43
CA HIS B 131 -14.37 23.67 -6.44
C HIS B 131 -14.06 24.58 -5.27
N GLU B 132 -14.89 25.61 -5.11
CA GLU B 132 -14.75 26.55 -4.02
C GLU B 132 -15.31 25.93 -2.74
N HIS B 133 -14.58 26.07 -1.64
CA HIS B 133 -15.00 25.46 -0.39
C HIS B 133 -14.40 26.19 0.81
N SER B 134 -14.79 25.78 2.02
CA SER B 134 -14.27 26.41 3.22
C SER B 134 -13.46 25.47 4.09
N PHE B 135 -12.94 24.38 3.51
CA PHE B 135 -12.10 23.47 4.27
C PHE B 135 -10.65 23.90 4.10
N LEU B 136 -10.35 25.07 4.64
CA LEU B 136 -9.01 25.62 4.55
C LEU B 136 -8.14 25.00 5.64
N PRO B 137 -6.90 24.63 5.29
CA PRO B 137 -5.98 24.03 6.25
C PRO B 137 -5.92 24.82 7.56
N SER B 138 -5.90 26.15 7.46
CA SER B 138 -5.84 27.01 8.64
C SER B 138 -7.03 26.82 9.58
N SER B 139 -8.24 26.71 9.02
CA SER B 139 -9.45 26.53 9.82
C SER B 139 -9.52 25.12 10.40
N TYR B 140 -8.67 24.23 9.92
CA TYR B 140 -8.68 22.85 10.38
C TYR B 140 -7.30 22.35 10.80
N ARG B 141 -6.53 23.23 11.44
CA ARG B 141 -5.20 22.89 11.93
C ARG B 141 -5.30 21.56 12.69
N GLY B 142 -4.38 20.64 12.42
CA GLY B 142 -4.43 19.35 13.09
C GLY B 142 -5.16 18.27 12.30
N LYS B 143 -5.88 18.69 11.26
CA LYS B 143 -6.62 17.73 10.41
C LYS B 143 -5.76 17.28 9.24
N ASP B 144 -4.56 17.86 9.16
CA ASP B 144 -3.58 17.56 8.12
C ASP B 144 -4.13 17.65 6.70
N LEU B 145 -4.81 18.76 6.40
CA LEU B 145 -5.35 18.99 5.09
C LEU B 145 -4.22 19.49 4.21
N GLN B 146 -3.33 18.58 3.84
CA GLN B 146 -2.19 18.92 3.01
C GLN B 146 -2.32 18.30 1.62
N GLU B 147 -1.75 18.98 0.63
CA GLU B 147 -1.78 18.54 -0.77
C GLU B 147 -3.22 18.26 -1.20
N ASN B 148 -3.42 17.09 -1.79
CA ASN B 148 -4.73 16.67 -2.26
C ASN B 148 -5.04 15.29 -1.67
N TYR B 149 -4.63 15.06 -0.41
CA TYR B 149 -4.86 13.78 0.23
C TYR B 149 -6.27 13.64 0.78
N CYS B 150 -6.81 12.44 0.67
CA CYS B 150 -8.14 12.12 1.17
C CYS B 150 -8.14 12.30 2.67
N ARG B 151 -9.19 12.94 3.19
CA ARG B 151 -9.28 13.19 4.61
C ARG B 151 -10.74 13.25 5.05
N ASN B 152 -10.94 13.29 6.36
CA ASN B 152 -12.27 13.38 6.93
C ASN B 152 -12.16 14.29 8.14
N PRO B 153 -11.90 15.59 7.90
CA PRO B 153 -11.74 16.58 8.97
C PRO B 153 -12.88 16.74 9.97
N ARG B 154 -14.11 16.44 9.57
CA ARG B 154 -15.23 16.57 10.49
C ARG B 154 -15.64 15.22 11.09
N GLY B 155 -14.85 14.19 10.82
CA GLY B 155 -15.13 12.87 11.34
C GLY B 155 -16.55 12.45 11.02
N GLU B 156 -16.95 12.62 9.76
CA GLU B 156 -18.30 12.28 9.33
C GLU B 156 -18.40 10.86 8.82
N GLU B 157 -19.62 10.33 8.80
CA GLU B 157 -19.85 8.99 8.29
C GLU B 157 -19.70 9.07 6.78
N GLY B 158 -18.91 8.16 6.23
CA GLY B 158 -18.67 8.14 4.81
C GLY B 158 -17.20 7.88 4.64
N GLY B 159 -16.42 8.29 5.64
CA GLY B 159 -14.98 8.08 5.58
C GLY B 159 -14.21 9.18 4.88
N PRO B 160 -12.88 9.08 4.81
CA PRO B 160 -12.06 10.11 4.14
C PRO B 160 -12.57 10.42 2.74
N TRP B 161 -12.53 11.69 2.37
CA TRP B 161 -13.01 12.11 1.07
C TRP B 161 -12.16 13.27 0.57
N CYS B 162 -12.50 13.79 -0.60
CA CYS B 162 -11.78 14.92 -1.14
C CYS B 162 -12.62 15.59 -2.23
N PHE B 163 -12.30 16.84 -2.53
CA PHE B 163 -12.99 17.58 -3.58
C PHE B 163 -12.30 17.01 -4.81
N THR B 164 -13.02 16.83 -5.92
CA THR B 164 -12.33 16.24 -7.08
C THR B 164 -11.89 17.22 -8.15
N SER B 165 -10.94 16.78 -8.98
CA SER B 165 -10.40 17.60 -10.06
C SER B 165 -11.35 17.62 -11.25
N ASN B 166 -12.43 16.87 -11.17
CA ASN B 166 -13.42 16.85 -12.25
C ASN B 166 -14.45 17.95 -11.94
N PRO B 167 -14.54 18.98 -12.79
CA PRO B 167 -15.50 20.08 -12.56
C PRO B 167 -16.94 19.63 -12.37
N GLU B 168 -17.29 18.47 -12.93
CA GLU B 168 -18.66 17.97 -12.81
C GLU B 168 -18.96 17.20 -11.51
N VAL B 169 -17.91 16.87 -10.75
CA VAL B 169 -18.11 16.15 -9.48
C VAL B 169 -17.41 16.93 -8.36
N ARG B 170 -18.20 17.58 -7.53
CA ARG B 170 -17.67 18.40 -6.44
C ARG B 170 -16.79 17.61 -5.46
N TYR B 171 -17.35 16.57 -4.85
CA TYR B 171 -16.61 15.73 -3.92
C TYR B 171 -16.98 14.25 -4.05
N GLU B 172 -16.14 13.39 -3.47
CA GLU B 172 -16.39 11.95 -3.48
C GLU B 172 -15.49 11.26 -2.46
N VAL B 173 -16.00 10.21 -1.82
CA VAL B 173 -15.22 9.49 -0.84
C VAL B 173 -14.08 8.74 -1.49
N CYS B 174 -13.11 8.34 -0.69
CA CYS B 174 -11.97 7.60 -1.21
C CYS B 174 -12.08 6.19 -0.67
N ASP B 175 -11.65 5.21 -1.45
CA ASP B 175 -11.76 3.82 -1.05
C ASP B 175 -10.61 3.30 -0.20
N ILE B 176 -10.60 3.69 1.07
CA ILE B 176 -9.56 3.27 2.02
C ILE B 176 -10.12 2.17 2.91
N PRO B 177 -9.51 0.98 2.88
CA PRO B 177 -9.94 -0.16 3.68
C PRO B 177 -9.81 -0.01 5.18
N GLN B 178 -10.71 -0.67 5.91
CA GLN B 178 -10.70 -0.65 7.37
C GLN B 178 -9.55 -1.54 7.84
N CYS B 179 -9.01 -1.24 9.03
CA CYS B 179 -7.92 -2.02 9.59
C CYS B 179 -8.41 -3.43 9.91
N SER B 180 -9.40 -3.51 10.79
CA SER B 180 -9.98 -4.78 11.20
C SER B 180 -10.78 -5.38 10.06
N GLU B 181 -10.07 -5.76 9.00
CA GLU B 181 -10.68 -6.36 7.83
C GLU B 181 -9.85 -7.57 7.43
N VAL B 182 -9.83 -8.58 8.29
CA VAL B 182 -9.06 -9.79 8.03
C VAL B 182 -9.97 -10.92 7.55
N GLU B 183 -10.66 -10.72 6.52
#